data_1OVF
#
_entry.id   1OVF
#
_cell.length_a   1.000
_cell.length_b   1.000
_cell.length_c   1.000
_cell.angle_alpha   90.00
_cell.angle_beta   90.00
_cell.angle_gamma   90.00
#
_symmetry.space_group_name_H-M   'P 1'
#
loop_
_entity.id
_entity.type
_entity.pdbx_description
1 polymer "(5'-D(*CP*CP*GP*TP*TP*TP*TP*GP*TP*GP*G)-3')"
2 polymer 'ACTINOMYCIN D'
#
loop_
_entity_poly.entity_id
_entity_poly.type
_entity_poly.pdbx_seq_one_letter_code
_entity_poly.pdbx_strand_id
1 'polydeoxyribonucleotide' (DC)(DC)(DG)(DT)(DT)(DT)(DT)(DG)(DT)(DG)(DG) A
2 'polypeptide(L)' T(DVA)P(SAR)(MVA)(PXZ)T(DVA)P(SAR)(MVA) B
#
loop_
_chem_comp.id
_chem_comp.type
_chem_comp.name
_chem_comp.formula
DC DNA linking 2'-DEOXYCYTIDINE-5'-MONOPHOSPHATE 'C9 H14 N3 O7 P'
DG DNA linking 2'-DEOXYGUANOSINE-5'-MONOPHOSPHATE 'C10 H14 N5 O7 P'
DT DNA linking THYMIDINE-5'-MONOPHOSPHATE 'C10 H15 N2 O8 P'
PXZ non-polymer 2-AMINO-1,9-DICARBONYL-4,6-DIMETHYL-10-DEHYDRO-PHENOXAZIN-3-ONE 'C16 H12 N2 O6'
#
# COMPACT_ATOMS: atom_id res chain seq x y z
N THR B 1 0.93 2.29 -2.09
CA THR B 1 1.12 0.86 -2.27
C THR B 1 1.87 0.26 -1.09
N DVA B 2 1.42 -0.89 -0.56
CA DVA B 2 2.22 -1.75 0.31
CB DVA B 2 2.02 -3.21 -0.11
CG1 DVA B 2 2.88 -4.17 0.72
CG2 DVA B 2 2.39 -3.42 -1.59
C DVA B 2 1.87 -1.52 1.79
O DVA B 2 0.79 -1.95 2.20
H DVA B 2 0.54 -1.27 -0.90
HA DVA B 2 3.27 -1.54 0.12
HB DVA B 2 0.97 -3.50 0.02
HG11 DVA B 2 2.63 -4.09 1.78
HG12 DVA B 2 2.72 -5.20 0.41
HG13 DVA B 2 3.94 -3.93 0.58
HG21 DVA B 2 3.42 -3.13 -1.77
HG22 DVA B 2 2.27 -4.48 -1.86
HG23 DVA B 2 1.73 -2.84 -2.24
N PRO B 3 2.72 -0.87 2.59
CA PRO B 3 4.00 -0.26 2.23
C PRO B 3 5.06 -1.33 1.93
N SAR B 4 6.03 -1.09 1.01
CA SAR B 4 6.21 0.17 0.27
C SAR B 4 5.74 0.05 -1.20
O SAR B 4 5.24 -1.01 -1.59
CN SAR B 4 6.99 -2.14 0.73
HA2 SAR B 4 7.27 0.38 0.27
HA3 SAR B 4 5.72 1.00 0.75
HN1 SAR B 4 7.70 -1.82 -0.04
HN2 SAR B 4 6.47 -3.03 0.37
HN3 SAR B 4 7.54 -2.39 1.63
N MVA B 5 5.92 1.11 -2.01
CN MVA B 5 6.43 2.38 -1.49
CA MVA B 5 5.65 1.09 -3.46
CB MVA B 5 6.84 0.50 -4.27
CG1 MVA B 5 8.06 1.41 -4.18
CG2 MVA B 5 7.26 -0.92 -3.86
C MVA B 5 4.27 0.49 -3.83
O MVA B 5 4.22 -0.55 -4.49
HN1 MVA B 5 5.76 2.76 -0.72
HN2 MVA B 5 6.53 3.14 -2.25
HN3 MVA B 5 7.42 2.23 -1.06
HA MVA B 5 5.55 2.11 -3.82
HB MVA B 5 6.54 0.46 -5.31
HG11 MVA B 5 8.46 1.42 -3.16
HG12 MVA B 5 7.80 2.43 -4.46
HG13 MVA B 5 8.84 1.04 -4.86
HG21 MVA B 5 6.42 -1.61 -3.90
HG22 MVA B 5 8.02 -1.28 -4.55
HG23 MVA B 5 7.68 -0.92 -2.85
C1 PXZ B 6 -0.13 4.37 -2.61
C0 PXZ B 6 -0.13 2.96 -2.57
O1 PXZ B 6 -1.10 2.36 -3.05
C2 PXZ B 6 -0.26 5.03 -3.85
N2 PXZ B 6 -0.47 4.35 -4.98
C3 PXZ B 6 -0.15 6.43 -3.93
O3 PXZ B 6 -0.24 7.08 -5.21
C4 PXZ B 6 0.06 7.19 -2.77
O5 PXZ B 6 0.40 7.29 -0.43
C6 PXZ B 6 0.86 7.46 1.88
C7 PXZ B 6 1.06 6.83 3.12
C8 PXZ B 6 0.96 5.44 3.22
C9 PXZ B 6 0.57 4.65 2.12
C0' PXZ B 6 0.43 3.25 2.31
O1' PXZ B 6 1.28 2.69 3.00
N10 PXZ B 6 0.15 4.55 -0.24
C11 PXZ B 6 0.07 5.14 -1.44
C12 PXZ B 6 0.18 6.55 -1.53
C13 PXZ B 6 0.54 6.68 0.75
C14 PXZ B 6 0.38 5.27 0.87
C15 PXZ B 6 0.14 8.70 -2.87
C16 PXZ B 6 1.01 8.96 1.77
HN21 PXZ B 6 -0.51 4.83 -5.87
HN22 PXZ B 6 -0.65 3.35 -4.96
H7 PXZ B 6 1.32 7.41 3.98
H8 PXZ B 6 1.23 4.97 4.15
H151 PXZ B 6 0.04 9.03 -3.91
H152 PXZ B 6 1.10 9.05 -2.49
H153 PXZ B 6 -0.66 9.15 -2.29
H161 PXZ B 6 1.79 9.20 1.04
H162 PXZ B 6 1.29 9.40 2.72
H163 PXZ B 6 0.07 9.41 1.44
N THR B 7 -0.61 2.58 1.78
CA THR B 7 -0.83 1.15 2.01
C THR B 7 -1.34 0.42 0.78
N DVA B 8 -1.49 -0.91 0.90
CA DVA B 8 -2.34 -1.76 0.08
CB DVA B 8 -2.31 -3.21 0.62
CG1 DVA B 8 -3.25 -4.12 -0.18
CG2 DVA B 8 -2.72 -3.27 2.10
C DVA B 8 -1.94 -1.70 -1.40
O DVA B 8 -0.89 -2.21 -1.76
H DVA B 8 -1.08 -1.34 1.72
HA DVA B 8 -3.37 -1.42 0.23
HB DVA B 8 -1.30 -3.60 0.54
HG11 DVA B 8 -2.96 -4.15 -1.23
HG12 DVA B 8 -3.21 -5.13 0.22
HG13 DVA B 8 -4.27 -3.75 -0.09
HG21 DVA B 8 -3.72 -2.83 2.23
HG22 DVA B 8 -2.75 -4.31 2.43
HG23 DVA B 8 -2.01 -2.74 2.74
N PRO B 9 -2.76 -1.08 -2.27
CA PRO B 9 -3.99 -0.36 -1.96
C PRO B 9 -5.18 -1.31 -1.82
N SAR B 10 -6.28 -0.89 -1.16
CA SAR B 10 -6.35 0.36 -0.40
C SAR B 10 -5.87 0.14 1.04
O SAR B 10 -5.54 -1.00 1.39
CN SAR B 10 -7.45 -1.76 -1.09
HA2 SAR B 10 -7.39 0.70 -0.36
HA3 SAR B 10 -5.78 1.13 -0.89
HN1 SAR B 10 -7.90 -1.86 -2.07
HN2 SAR B 10 -8.20 -1.37 -0.39
HN3 SAR B 10 -7.15 -2.75 -0.73
N MVA B 11 -5.86 1.16 1.91
CN MVA B 11 -6.19 2.55 1.56
CA MVA B 11 -5.55 0.95 3.32
CB MVA B 11 -6.58 0.05 4.03
CG1 MVA B 11 -6.52 0.27 5.55
CG2 MVA B 11 -8.02 0.34 3.59
C MVA B 11 -4.08 0.49 3.49
O MVA B 11 -3.86 -0.52 4.16
HN1 MVA B 11 -6.24 2.72 0.49
HN2 MVA B 11 -5.42 3.21 1.97
HN3 MVA B 11 -7.14 2.81 2.01
HA MVA B 11 -5.66 1.90 3.83
HB MVA B 11 -6.37 -1.00 3.82
HG11 MVA B 11 -5.52 0.08 5.94
HG12 MVA B 11 -7.21 -0.41 6.05
HG13 MVA B 11 -6.80 1.30 5.79
HG21 MVA B 11 -8.17 0.07 2.54
HG22 MVA B 11 -8.25 1.40 3.72
HG23 MVA B 11 -8.72 -0.24 4.19
N THR B 1 0.92 2.34 -2.10
CA THR B 1 1.11 0.89 -2.29
C THR B 1 1.87 0.27 -1.14
N DVA B 2 1.42 -0.88 -0.62
CA DVA B 2 2.24 -1.75 0.23
CB DVA B 2 2.03 -3.21 -0.22
CG1 DVA B 2 2.90 -4.18 0.60
CG2 DVA B 2 2.38 -3.39 -1.71
C DVA B 2 1.88 -1.55 1.70
O DVA B 2 0.82 -1.99 2.13
H DVA B 2 0.55 -1.26 -0.96
HA DVA B 2 3.28 -1.54 0.03
HB DVA B 2 0.98 -3.50 -0.08
HG11 DVA B 2 2.65 -4.11 1.66
HG12 DVA B 2 2.72 -5.20 0.27
HG13 DVA B 2 3.95 -3.93 0.46
HG21 DVA B 2 3.41 -3.10 -1.88
HG22 DVA B 2 2.26 -4.45 -1.99
HG23 DVA B 2 1.73 -2.80 -2.34
N PRO B 3 2.75 -0.91 2.52
CA PRO B 3 4.02 -0.30 2.16
C PRO B 3 5.09 -1.35 1.82
N SAR B 4 6.03 -1.10 0.90
CA SAR B 4 6.20 0.16 0.17
C SAR B 4 5.72 0.06 -1.30
O SAR B 4 5.22 -0.98 -1.70
CN SAR B 4 6.99 -2.16 0.57
HA2 SAR B 4 7.27 0.38 0.15
HA3 SAR B 4 5.72 0.99 0.66
HN1 SAR B 4 7.54 -2.44 1.47
HN2 SAR B 4 7.70 -1.83 -0.19
HN3 SAR B 4 6.46 -3.03 0.19
N MVA B 5 5.91 1.13 -2.10
CN MVA B 5 6.42 2.39 -1.56
CA MVA B 5 5.62 1.13 -3.55
CB MVA B 5 6.80 0.54 -4.37
CG1 MVA B 5 8.04 1.43 -4.26
CG2 MVA B 5 7.22 -0.89 -3.98
C MVA B 5 4.24 0.55 -3.91
O MVA B 5 4.19 -0.48 -4.60
HN1 MVA B 5 5.75 2.77 -0.81
HN2 MVA B 5 6.52 3.16 -2.33
HN3 MVA B 5 7.41 2.24 -1.12
HA MVA B 5 5.54 2.15 -3.89
HB MVA B 5 6.50 0.52 -5.41
HG11 MVA B 5 8.44 1.43 -3.25
HG12 MVA B 5 7.79 2.46 -4.55
HG13 MVA B 5 8.81 1.07 -4.95
HG21 MVA B 5 6.36 -1.57 -4.03
HG22 MVA B 5 7.97 -1.24 -4.69
HG23 MVA B 5 7.65 -0.92 -2.98
C1 PXZ B 6 -0.13 4.41 -2.57
C0 PXZ B 6 -0.15 3.00 -2.55
O1 PXZ B 6 -1.11 2.42 -3.04
C2 PXZ B 6 -0.28 5.10 -3.80
N2 PXZ B 6 -0.48 4.44 -4.94
C3 PXZ B 6 -0.15 6.50 -3.85
O3 PXZ B 6 -0.23 7.17 -5.11
C4 PXZ B 6 0.05 7.24 -2.68
O5 PXZ B 6 0.39 7.29 -0.33
C6 PXZ B 6 0.83 7.41 1.99
C7 PXZ B 6 1.04 6.76 3.21
C8 PXZ B 6 0.95 5.36 3.28
C9 PXZ B 6 0.57 4.59 2.16
C0' PXZ B 6 0.44 3.19 2.32
O1' PXZ B 6 1.30 2.62 2.99
N10 PXZ B 6 0.14 4.54 -0.20
C11 PXZ B 6 0.06 5.16 -1.38
C12 PXZ B 6 0.16 6.57 -1.44
C13 PXZ B 6 0.51 6.65 0.84
C14 PXZ B 6 0.38 5.24 0.92
C15 PXZ B 6 0.13 8.75 -2.75
C16 PXZ B 6 0.97 8.92 1.90
HN21 PXZ B 6 -0.52 4.94 -5.82
HN22 PXZ B 6 -0.66 3.45 -4.94
H7 PXZ B 6 1.30 7.32 4.09
H8 PXZ B 6 1.23 4.88 4.20
H151 PXZ B 6 0.06 9.09 -3.78
H152 PXZ B 6 1.10 9.09 -2.35
H153 PXZ B 6 -0.67 9.19 -2.17
H161 PXZ B 6 1.75 9.18 1.18
H162 PXZ B 6 1.25 9.34 2.88
H163 PXZ B 6 0.03 9.36 1.59
N THR B 7 -0.61 2.53 1.80
CA THR B 7 -0.81 1.09 2.00
C THR B 7 -1.33 0.39 0.75
N DVA B 8 -1.49 -0.95 0.87
CA DVA B 8 -2.34 -1.78 0.03
CB DVA B 8 -2.29 -3.24 0.55
CG1 DVA B 8 -3.23 -4.14 -0.27
CG2 DVA B 8 -2.70 -3.33 2.02
C DVA B 8 -1.94 -1.69 -1.45
O DVA B 8 -0.89 -2.20 -1.82
H DVA B 8 -1.07 -1.39 1.67
HA DVA B 8 -3.36 -1.46 0.18
HB DVA B 8 -1.28 -3.63 0.44
HG11 DVA B 8 -2.95 -4.15 -1.32
HG12 DVA B 8 -3.19 -5.16 0.11
HG13 DVA B 8 -4.27 -3.77 -0.18
HG21 DVA B 8 -3.69 -2.91 2.17
HG22 DVA B 8 -2.73 -4.39 2.32
HG23 DVA B 8 -1.99 -2.82 2.67
N PRO B 9 -2.77 -1.06 -2.31
CA PRO B 9 -3.99 -0.35 -1.98
C PRO B 9 -5.19 -1.30 -1.85
N SAR B 10 -6.29 -0.89 -1.17
CA SAR B 10 -6.35 0.35 -0.39
C SAR B 10 -5.87 0.08 1.05
O SAR B 10 -5.53 -1.05 1.36
CN SAR B 10 -7.45 -1.77 -1.11
HA2 SAR B 10 -7.38 0.68 -0.35
HA3 SAR B 10 -5.78 1.13 -0.87
HN1 SAR B 10 -8.19 -1.39 -0.41
HN2 SAR B 10 -7.16 -2.76 -0.78
HN3 SAR B 10 -7.91 -1.84 -2.10
N MVA B 11 -5.84 1.10 1.93
CN MVA B 11 -6.16 2.49 1.61
CA MVA B 11 -5.53 0.86 3.34
CB MVA B 11 -6.55 -0.07 4.03
CG1 MVA B 11 -6.50 0.12 5.56
CG2 MVA B 11 -8.00 0.22 3.58
C MVA B 11 -4.06 0.40 3.50
O MVA B 11 -3.83 -0.62 4.15
HN1 MVA B 11 -7.11 2.75 2.07
HN2 MVA B 11 -6.23 2.69 0.54
HN3 MVA B 11 -5.39 3.14 2.02
HA MVA B 11 -5.65 1.79 3.87
HB MVA B 11 -6.33 -1.12 3.80
HG11 MVA B 11 -7.19 -0.57 6.04
HG12 MVA B 11 -6.80 1.14 5.81
HG13 MVA B 11 -5.50 -0.07 5.94
HG21 MVA B 11 -8.15 -0.03 2.53
HG22 MVA B 11 -8.23 1.28 3.73
HG23 MVA B 11 -8.69 -0.38 4.18
N THR B 1 0.76 2.43 -2.04
CA THR B 1 0.86 0.96 -2.12
C THR B 1 1.42 0.37 -0.83
N DVA B 2 1.48 -0.97 -0.77
CA DVA B 2 2.32 -1.75 0.12
CB DVA B 2 2.20 -3.24 -0.24
CG1 DVA B 2 3.12 -4.11 0.63
CG2 DVA B 2 2.56 -3.51 -1.71
C DVA B 2 1.99 -1.49 1.59
O DVA B 2 0.94 -1.92 2.06
H DVA B 2 0.99 -1.49 -1.50
HA DVA B 2 3.35 -1.48 -0.10
HB DVA B 2 1.16 -3.57 -0.07
HG11 DVA B 2 2.89 -3.99 1.68
HG12 DVA B 2 2.99 -5.16 0.37
HG13 DVA B 2 4.16 -3.84 0.46
HG21 DVA B 2 3.56 -3.16 -1.92
HG22 DVA B 2 2.52 -4.58 -1.91
HG23 DVA B 2 1.84 -3.02 -2.39
N PRO B 3 2.87 -0.81 2.36
CA PRO B 3 4.12 -0.19 1.94
C PRO B 3 5.23 -1.23 1.72
N SAR B 4 6.22 -0.98 0.84
CA SAR B 4 6.35 0.24 0.03
C SAR B 4 5.78 0.07 -1.38
O SAR B 4 5.25 -1.00 -1.67
CN SAR B 4 7.26 -1.99 0.63
HA2 SAR B 4 7.42 0.48 -0.04
HA3 SAR B 4 5.88 1.09 0.52
HN1 SAR B 4 7.81 -2.14 1.54
HN2 SAR B 4 7.94 -1.70 -0.17
HN3 SAR B 4 6.78 -2.93 0.33
N MVA B 5 5.91 1.09 -2.27
CN MVA B 5 6.57 2.34 -1.88
CA MVA B 5 5.43 1.01 -3.66
CB MVA B 5 6.53 0.41 -4.59
CG1 MVA B 5 6.96 -1.02 -4.22
CG2 MVA B 5 6.15 0.44 -6.08
C MVA B 5 4.03 0.39 -3.78
O MVA B 5 3.87 -0.65 -4.41
HN1 MVA B 5 5.99 2.82 -1.10
HN2 MVA B 5 6.65 3.03 -2.72
HN3 MVA B 5 7.58 2.15 -1.54
HA MVA B 5 5.30 2.03 -4.02
HB MVA B 5 7.40 1.05 -4.48
HG11 MVA B 5 6.12 -1.70 -4.24
HG12 MVA B 5 7.43 -1.03 -3.24
HG13 MVA B 5 7.70 -1.36 -4.95
HG21 MVA B 5 5.79 1.43 -6.34
HG22 MVA B 5 7.04 0.22 -6.67
HG23 MVA B 5 5.38 -0.30 -6.31
C1 PXZ B 6 -0.22 4.51 -2.64
C0 PXZ B 6 -0.27 3.11 -2.58
O1 PXZ B 6 -1.24 2.53 -3.07
C2 PXZ B 6 -0.36 5.17 -3.89
N2 PXZ B 6 -0.56 4.48 -5.02
C3 PXZ B 6 -0.26 6.57 -3.97
O3 PXZ B 6 -0.37 7.22 -5.24
C4 PXZ B 6 -0.07 7.33 -2.81
O5 PXZ B 6 0.34 7.44 -0.48
C6 PXZ B 6 0.90 7.59 1.82
C7 PXZ B 6 1.14 6.96 3.05
C8 PXZ B 6 1.06 5.56 3.15
C9 PXZ B 6 0.65 4.78 2.06
C0' PXZ B 6 0.52 3.38 2.24
O1' PXZ B 6 1.41 2.81 2.87
N10 PXZ B 6 0.14 4.69 -0.28
C11 PXZ B 6 0.01 5.28 -1.49
C12 PXZ B 6 0.10 6.69 -1.57
C13 PXZ B 6 0.54 6.82 0.71
C14 PXZ B 6 0.42 5.41 0.82
C15 PXZ B 6 -0.03 8.85 -2.91
C16 PXZ B 6 1.05 9.10 1.71
HN21 PXZ B 6 -0.60 4.96 -5.90
HN22 PXZ B 6 -0.72 3.48 -4.99
H7 PXZ B 6 1.44 7.55 3.91
H8 PXZ B 6 1.34 5.11 4.07
H151 PXZ B 6 0.93 9.22 -2.56
H152 PXZ B 6 -0.83 9.27 -2.30
H153 PXZ B 6 -0.17 9.18 -3.94
H161 PXZ B 6 1.79 9.34 0.95
H162 PXZ B 6 1.37 9.53 2.66
H163 PXZ B 6 0.09 9.54 1.42
N THR B 7 -0.55 2.71 1.79
CA THR B 7 -0.74 1.27 2.03
C THR B 7 -1.33 0.54 0.83
N DVA B 8 -1.39 -0.79 0.93
CA DVA B 8 -2.25 -1.69 0.15
CB DVA B 8 -2.11 -3.13 0.68
CG1 DVA B 8 -3.05 -4.08 -0.08
CG2 DVA B 8 -2.46 -3.22 2.18
C DVA B 8 -1.94 -1.60 -1.35
O DVA B 8 -0.90 -2.10 -1.79
H DVA B 8 -0.90 -1.22 1.70
HA DVA B 8 -3.27 -1.41 0.36
HB DVA B 8 -1.09 -3.48 0.54
HG11 DVA B 8 -2.81 -4.11 -1.13
HG12 DVA B 8 -2.94 -5.09 0.32
HG13 DVA B 8 -4.09 -3.77 0.06
HG21 DVA B 8 -3.46 -2.84 2.35
HG22 DVA B 8 -2.41 -4.26 2.50
HG23 DVA B 8 -1.75 -2.65 2.78
N PRO B 9 -2.82 -0.99 -2.16
CA PRO B 9 -4.07 -0.32 -1.77
C PRO B 9 -5.21 -1.32 -1.57
N SAR B 10 -6.28 -0.95 -0.85
CA SAR B 10 -6.37 0.30 -0.09
C SAR B 10 -5.80 0.12 1.31
O SAR B 10 -5.40 -0.99 1.66
CN SAR B 10 -7.41 -1.87 -0.69
HA2 SAR B 10 -7.41 0.60 0.00
HA3 SAR B 10 -5.87 1.10 -0.63
HN1 SAR B 10 -8.13 -1.51 0.04
HN2 SAR B 10 -7.05 -2.85 -0.35
HN3 SAR B 10 -7.92 -1.99 -1.66
N MVA B 11 -5.76 1.17 2.16
CN MVA B 11 -6.15 2.54 1.80
CA MVA B 11 -5.38 1.00 3.57
CB MVA B 11 -6.36 0.08 4.34
CG1 MVA B 11 -6.23 0.32 5.85
CG2 MVA B 11 -7.82 0.33 3.95
C MVA B 11 -3.90 0.56 3.68
O MVA B 11 -3.63 -0.43 4.34
HN1 MVA B 11 -5.43 3.24 2.20
HN2 MVA B 11 -7.12 2.76 2.25
HN3 MVA B 11 -6.22 2.71 0.74
HA MVA B 11 -5.50 1.95 4.06
HB MVA B 11 -6.14 -0.97 4.12
HG11 MVA B 11 -6.89 -0.37 6.38
HG12 MVA B 11 -6.52 1.34 6.09
HG13 MVA B 11 -5.22 0.15 6.19
HG21 MVA B 11 -8.07 1.38 4.10
HG22 MVA B 11 -8.48 -0.27 4.59
HG23 MVA B 11 -8.02 0.06 2.92
N THR B 1 1.04 2.22 -2.07
CA THR B 1 1.08 0.76 -2.22
C THR B 1 1.91 0.13 -1.10
N DVA B 2 1.48 -1.01 -0.57
CA DVA B 2 2.25 -1.84 0.34
CB DVA B 2 2.01 -3.33 0.00
CG1 DVA B 2 2.84 -4.24 0.91
CG2 DVA B 2 2.37 -3.64 -1.45
C DVA B 2 1.86 -1.53 1.80
O DVA B 2 0.74 -1.89 2.18
H DVA B 2 0.59 -1.39 -0.89
HA DVA B 2 3.32 -1.66 0.18
HB DVA B 2 0.95 -3.56 0.14
HG11 DVA B 2 2.58 -4.10 1.95
HG12 DVA B 2 2.65 -5.29 0.64
HG13 DVA B 2 3.90 -4.04 0.78
HG21 DVA B 2 3.43 -3.42 -1.64
HG22 DVA B 2 2.19 -4.69 -1.66
HG23 DVA B 2 1.77 -3.06 -2.14
N PRO B 3 2.71 -0.89 2.61
CA PRO B 3 4.03 -0.36 2.27
C PRO B 3 5.07 -1.47 2.13
N SAR B 4 6.10 -1.35 1.26
CA SAR B 4 6.31 -0.21 0.35
C SAR B 4 5.82 -0.53 -1.07
O SAR B 4 5.46 -1.68 -1.32
CN SAR B 4 7.03 -2.47 1.13
HA2 SAR B 4 7.37 0.05 0.29
HA3 SAR B 4 5.82 0.68 0.72
HN1 SAR B 4 7.50 -2.69 2.10
HN2 SAR B 4 7.81 -2.26 0.40
HN3 SAR B 4 6.49 -3.37 0.79
N MVA B 5 5.81 0.44 -2.00
CN MVA B 5 6.20 1.82 -1.67
CA MVA B 5 5.44 0.17 -3.40
CB MVA B 5 6.42 -0.78 -4.09
CG1 MVA B 5 6.13 -0.92 -5.59
CG2 MVA B 5 7.87 -0.29 -3.94
C MVA B 5 3.97 -0.27 -3.52
O MVA B 5 3.71 -1.47 -3.51
HN1 MVA B 5 7.21 1.82 -1.25
HN2 MVA B 5 5.50 2.22 -0.95
HN3 MVA B 5 6.20 2.47 -2.54
HA MVA B 5 5.50 1.11 -3.97
HB MVA B 5 6.36 -1.78 -3.65
HG11 MVA B 5 6.21 0.05 -6.08
HG12 MVA B 5 5.12 -1.32 -5.75
HG13 MVA B 5 6.84 -1.61 -6.05
HG21 MVA B 5 8.17 -0.29 -2.89
HG22 MVA B 5 8.55 -0.94 -4.48
HG23 MVA B 5 7.96 0.72 -4.33
C1 PXZ B 6 0.12 4.37 -2.48
C0 PXZ B 6 0.00 2.98 -2.43
O1 PXZ B 6 -1.07 2.47 -2.78
C2 PXZ B 6 0.11 5.03 -3.74
N2 PXZ B 6 -0.09 4.36 -4.87
C3 PXZ B 6 0.36 6.41 -3.82
O3 PXZ B 6 0.40 7.05 -5.10
C4 PXZ B 6 0.51 7.17 -2.65
O5 PXZ B 6 0.59 7.28 -0.29
C6 PXZ B 6 0.77 7.47 2.06
C7 PXZ B 6 0.87 6.85 3.31
C8 PXZ B 6 0.75 5.46 3.41
C9 PXZ B 6 0.42 4.66 2.29
C0' PXZ B 6 0.25 3.29 2.47
O1' PXZ B 6 1.12 2.68 3.10
N10 PXZ B 6 0.22 4.55 -0.10
C11 PXZ B 6 0.27 5.14 -1.31
C12 PXZ B 6 0.46 6.54 -1.40
C13 PXZ B 6 0.57 6.68 0.92
C14 PXZ B 6 0.37 5.29 1.02
C15 PXZ B 6 0.71 8.67 -2.76
C16 PXZ B 6 0.92 8.98 1.96
HN21 PXZ B 6 -0.06 4.83 -5.76
HN22 PXZ B 6 -0.38 3.38 -4.85
H7 PXZ B 6 1.10 7.44 4.19
H8 PXZ B 6 0.94 4.99 4.37
H151 PXZ B 6 0.78 8.98 -3.80
H152 PXZ B 6 1.64 8.95 -2.25
H153 PXZ B 6 -0.12 9.19 -2.29
H161 PXZ B 6 1.01 9.42 2.94
H162 PXZ B 6 0.06 9.40 1.45
H163 PXZ B 6 1.83 9.22 1.39
N THR B 7 -0.85 2.65 2.02
CA THR B 7 -1.09 1.22 2.27
C THR B 7 -1.86 0.55 1.13
N DVA B 8 -1.49 -0.68 0.76
CA DVA B 8 -2.35 -1.59 0.01
CB DVA B 8 -2.35 -2.97 0.69
CG1 DVA B 8 -3.34 -3.91 0.00
CG2 DVA B 8 -2.72 -2.88 2.18
C DVA B 8 -1.89 -1.70 -1.45
O DVA B 8 -0.87 -2.32 -1.71
H DVA B 8 -0.67 -1.09 1.19
HA DVA B 8 -3.38 -1.24 0.06
HB DVA B 8 -1.36 -3.42 0.63
HG11 DVA B 8 -3.07 -4.07 -1.04
HG12 DVA B 8 -3.34 -4.88 0.50
HG13 DVA B 8 -4.35 -3.49 0.06
HG21 DVA B 8 -3.69 -2.40 2.30
HG22 DVA B 8 -2.77 -3.88 2.62
HG23 DVA B 8 -1.96 -2.31 2.73
N PRO B 9 -2.64 -1.14 -2.43
CA PRO B 9 -3.78 -0.25 -2.26
C PRO B 9 -5.07 -1.05 -1.97
N SAR B 10 -6.06 -0.52 -1.23
CA SAR B 10 -5.97 0.74 -0.44
C SAR B 10 -5.72 0.40 1.05
O SAR B 10 -5.49 -0.77 1.36
CN SAR B 10 -7.28 -1.30 -1.05
HA2 SAR B 10 -6.89 1.30 -0.52
HA3 SAR B 10 -5.20 1.40 -0.81
HN1 SAR B 10 -7.73 -1.49 -2.03
HN2 SAR B 10 -8.00 -0.77 -0.43
HN3 SAR B 10 -7.04 -2.25 -0.58
N MVA B 11 -5.78 1.39 1.97
CN MVA B 11 -5.94 2.80 1.65
CA MVA B 11 -5.67 1.09 3.41
CB MVA B 11 -6.78 0.13 3.90
CG1 MVA B 11 -6.91 0.23 5.43
CG2 MVA B 11 -8.16 0.46 3.30
C MVA B 11 -4.25 0.63 3.76
O MVA B 11 -4.09 -0.46 4.30
HN1 MVA B 11 -6.92 3.13 1.98
HN2 MVA B 11 -5.82 3.03 0.60
HN3 MVA B 11 -5.19 3.37 2.20
HA MVA B 11 -5.89 2.00 3.96
HB MVA B 11 -6.54 -0.91 3.64
HG11 MVA B 11 -7.23 1.24 5.71
HG12 MVA B 11 -5.97 0.02 5.92
HG13 MVA B 11 -7.66 -0.47 5.78
HG21 MVA B 11 -8.92 -0.16 3.76
HG22 MVA B 11 -8.17 0.28 2.23
HG23 MVA B 11 -8.39 1.51 3.49
N THR B 1 1.01 2.26 -2.06
CA THR B 1 1.07 0.80 -2.20
C THR B 1 1.89 0.18 -1.07
N DVA B 2 1.41 -0.94 -0.49
CA DVA B 2 2.20 -1.79 0.39
CB DVA B 2 1.95 -3.27 0.00
CG1 DVA B 2 2.78 -4.21 0.89
CG2 DVA B 2 2.32 -3.53 -1.46
C DVA B 2 1.83 -1.53 1.86
O DVA B 2 0.73 -1.92 2.27
H DVA B 2 0.52 -1.29 -0.79
HA DVA B 2 3.26 -1.62 0.22
HB DVA B 2 0.89 -3.51 0.14
HG11 DVA B 2 2.51 -4.11 1.94
HG12 DVA B 2 2.59 -5.25 0.59
HG13 DVA B 2 3.84 -4.00 0.76
HG21 DVA B 2 3.37 -3.31 -1.62
HG22 DVA B 2 2.13 -4.59 -1.70
HG23 DVA B 2 1.71 -2.93 -2.13
N PRO B 3 2.68 -0.88 2.67
CA PRO B 3 3.99 -0.33 2.31
C PRO B 3 5.04 -1.44 2.14
N SAR B 4 6.06 -1.29 1.28
CA SAR B 4 6.27 -0.13 0.39
C SAR B 4 5.79 -0.44 -1.04
O SAR B 4 5.42 -1.58 -1.30
CN SAR B 4 6.99 -2.42 1.11
HA2 SAR B 4 7.33 0.15 0.35
HA3 SAR B 4 5.76 0.75 0.77
HN1 SAR B 4 6.45 -3.28 0.75
HN2 SAR B 4 7.45 -2.67 2.07
HN3 SAR B 4 7.78 -2.17 0.41
N MVA B 5 5.83 0.55 -1.96
CN MVA B 5 6.25 1.91 -1.62
CA MVA B 5 5.47 0.30 -3.38
CB MVA B 5 6.49 -0.64 -4.05
CG1 MVA B 5 6.23 -0.77 -5.56
CG2 MVA B 5 7.92 -0.11 -3.87
C MVA B 5 4.01 -0.17 -3.52
O MVA B 5 3.78 -1.38 -3.58
HN1 MVA B 5 6.22 2.58 -2.48
HN2 MVA B 5 7.26 1.89 -1.24
HN3 MVA B 5 5.58 2.31 -0.86
HA MVA B 5 5.52 1.23 -3.93
HB MVA B 5 6.44 -1.64 -3.62
HG11 MVA B 5 5.23 -1.18 -5.74
HG12 MVA B 5 6.95 -1.43 -6.01
HG13 MVA B 5 6.29 0.21 -6.04
HG21 MVA B 5 8.21 -0.12 -2.82
HG22 MVA B 5 8.63 -0.74 -4.41
HG23 MVA B 5 8.00 0.91 -4.25
C1 PXZ B 6 0.05 4.39 -2.53
C0 PXZ B 6 -0.04 2.98 -2.48
O1 PXZ B 6 -1.06 2.46 -2.91
C2 PXZ B 6 -0.01 5.05 -3.77
N2 PXZ B 6 -0.24 4.38 -4.91
C3 PXZ B 6 0.19 6.44 -3.85
O3 PXZ B 6 0.18 7.09 -5.12
C4 PXZ B 6 0.37 7.19 -2.68
O5 PXZ B 6 0.62 7.29 -0.33
C6 PXZ B 6 0.98 7.44 2.00
C7 PXZ B 6 1.15 6.80 3.24
C8 PXZ B 6 1.03 5.41 3.32
C9 PXZ B 6 0.63 4.64 2.22
C0' PXZ B 6 0.45 3.25 2.39
O1' PXZ B 6 1.26 2.66 3.10
N10 PXZ B 6 0.28 4.55 -0.15
C11 PXZ B 6 0.24 5.15 -1.35
C12 PXZ B 6 0.41 6.55 -1.44
C13 PXZ B 6 0.69 6.67 0.86
C14 PXZ B 6 0.50 5.27 0.96
C15 PXZ B 6 0.54 8.70 -2.79
C16 PXZ B 6 1.17 8.95 1.90
HN21 PXZ B 6 -0.24 4.87 -5.79
HN22 PXZ B 6 -0.48 3.40 -4.88
H7 PXZ B 6 1.42 7.37 4.11
H8 PXZ B 6 1.29 4.93 4.25
H151 PXZ B 6 -0.28 9.19 -2.25
H152 PXZ B 6 0.51 9.03 -3.82
H153 PXZ B 6 1.48 9.00 -2.34
H161 PXZ B 6 0.25 9.40 1.51
H162 PXZ B 6 2.00 9.18 1.23
H163 PXZ B 6 1.37 9.38 2.88
N THR B 7 -0.61 2.61 1.87
CA THR B 7 -0.87 1.17 2.09
C THR B 7 -1.37 0.45 0.85
N DVA B 8 -1.53 -0.87 0.96
CA DVA B 8 -2.40 -1.71 0.14
CB DVA B 8 -2.44 -3.14 0.71
CG1 DVA B 8 -3.40 -4.03 -0.08
CG2 DVA B 8 -2.89 -3.14 2.18
C DVA B 8 -1.97 -1.70 -1.33
O DVA B 8 -0.92 -2.25 -1.64
H DVA B 8 -1.09 -1.31 1.76
HA DVA B 8 -3.43 -1.33 0.22
HB DVA B 8 -1.44 -3.56 0.66
HG11 DVA B 8 -3.08 -4.10 -1.13
HG12 DVA B 8 -3.41 -5.03 0.34
HG13 DVA B 8 -4.41 -3.62 -0.05
HG21 DVA B 8 -3.87 -2.68 2.27
HG22 DVA B 8 -2.96 -4.17 2.54
HG23 DVA B 8 -2.18 -2.62 2.82
N PRO B 9 -2.74 -1.09 -2.25
CA PRO B 9 -3.94 -0.30 -2.01
C PRO B 9 -5.18 -1.20 -1.89
N SAR B 10 -6.28 -0.74 -1.26
CA SAR B 10 -6.32 0.53 -0.52
C SAR B 10 -5.91 0.29 0.95
O SAR B 10 -5.63 -0.85 1.31
CN SAR B 10 -7.46 -1.61 -1.16
HA2 SAR B 10 -7.31 0.97 -0.52
HA3 SAR B 10 -5.68 1.27 -0.99
HN1 SAR B 10 -7.82 -1.84 -2.17
HN2 SAR B 10 -8.26 -1.13 -0.61
HN3 SAR B 10 -7.19 -2.54 -0.66
N MVA B 11 -5.87 1.32 1.80
CN MVA B 11 -6.11 2.72 1.44
CA MVA B 11 -5.62 1.10 3.24
CB MVA B 11 -6.70 0.21 3.90
CG1 MVA B 11 -6.71 0.43 5.42
CG2 MVA B 11 -8.12 0.54 3.39
C MVA B 11 -4.19 0.61 3.46
O MVA B 11 -4.01 -0.41 4.14
HN1 MVA B 11 -6.19 2.88 0.38
HN2 MVA B 11 -5.29 3.33 1.82
HN3 MVA B 11 -7.03 3.07 1.92
HA MVA B 11 -5.73 2.07 3.75
HB MVA B 11 -6.51 -0.84 3.69
HG11 MVA B 11 -5.73 0.22 5.85
HG12 MVA B 11 -7.44 -0.24 5.87
HG13 MVA B 11 -6.99 1.45 5.65
HG21 MVA B 11 -8.24 0.27 2.34
HG22 MVA B 11 -8.32 1.60 3.50
HG23 MVA B 11 -8.86 -0.03 3.96
N THR B 1 0.93 2.33 -1.97
CA THR B 1 0.93 0.86 -2.06
C THR B 1 1.42 0.22 -0.75
N DVA B 2 1.43 -1.12 -0.72
CA DVA B 2 2.21 -1.94 0.21
CB DVA B 2 2.04 -3.42 -0.16
CG1 DVA B 2 2.88 -4.32 0.75
CG2 DVA B 2 2.45 -3.70 -1.60
C DVA B 2 1.81 -1.66 1.68
O DVA B 2 0.72 -2.05 2.07
H DVA B 2 0.92 -1.60 -1.45
HA DVA B 2 3.27 -1.71 0.06
HB DVA B 2 0.98 -3.69 -0.04
HG11 DVA B 2 2.60 -4.20 1.79
HG12 DVA B 2 2.71 -5.37 0.49
HG13 DVA B 2 3.94 -4.09 0.64
HG21 DVA B 2 3.48 -3.39 -1.77
HG22 DVA B 2 2.36 -4.77 -1.82
HG23 DVA B 2 1.81 -3.17 -2.32
N PRO B 3 2.67 -1.02 2.49
CA PRO B 3 3.98 -0.47 2.15
C PRO B 3 5.03 -1.58 2.02
N SAR B 4 6.09 -1.44 1.19
CA SAR B 4 6.33 -0.24 0.35
C SAR B 4 5.85 -0.48 -1.09
O SAR B 4 5.42 -1.60 -1.40
CN SAR B 4 6.99 -2.57 1.03
HA2 SAR B 4 7.40 -0.01 0.32
HA3 SAR B 4 5.85 0.63 0.77
HN1 SAR B 4 7.45 -2.83 1.98
HN2 SAR B 4 7.79 -2.32 0.32
HN3 SAR B 4 6.44 -3.43 0.63
N MVA B 5 5.92 0.53 -1.98
CN MVA B 5 6.41 1.86 -1.61
CA MVA B 5 5.53 0.34 -3.39
CB MVA B 5 6.55 -0.58 -4.12
CG1 MVA B 5 6.35 -0.56 -5.64
CG2 MVA B 5 8.00 -0.15 -3.83
C MVA B 5 4.07 -0.12 -3.49
O MVA B 5 3.83 -1.22 -3.98
HN1 MVA B 5 5.72 2.31 -0.91
HN2 MVA B 5 6.50 2.52 -2.46
HN3 MVA B 5 7.39 1.77 -1.15
HA MVA B 5 5.56 1.29 -3.90
HB MVA B 5 6.43 -1.61 -3.77
HG11 MVA B 5 7.04 -1.26 -6.11
HG12 MVA B 5 6.56 0.44 -6.02
HG13 MVA B 5 5.34 -0.84 -5.92
HG21 MVA B 5 8.14 0.89 -4.10
HG22 MVA B 5 8.25 -0.30 -2.78
HG23 MVA B 5 8.68 -0.76 -4.43
C1 PXZ B 6 0.10 4.47 -2.57
C0 PXZ B 6 -0.03 3.07 -2.53
O1 PXZ B 6 -1.00 2.57 -3.09
C2 PXZ B 6 0.10 5.16 -3.81
N2 PXZ B 6 -0.05 4.50 -4.96
C3 PXZ B 6 0.32 6.55 -3.85
O3 PXZ B 6 0.38 7.21 -5.11
C4 PXZ B 6 0.43 7.28 -2.67
O5 PXZ B 6 0.54 7.34 -0.30
C6 PXZ B 6 0.83 7.45 2.05
C7 PXZ B 6 1.00 6.79 3.27
C8 PXZ B 6 0.91 5.40 3.32
C9 PXZ B 6 0.55 4.64 2.20
C0' PXZ B 6 0.40 3.24 2.33
O1' PXZ B 6 1.25 2.64 3.00
N10 PXZ B 6 0.26 4.60 -0.18
C11 PXZ B 6 0.25 5.22 -1.37
C12 PXZ B 6 0.41 6.62 -1.43
C13 PXZ B 6 0.59 6.70 0.88
C14 PXZ B 6 0.44 5.30 0.95
C15 PXZ B 6 0.57 8.80 -2.74
C16 PXZ B 6 0.95 8.97 1.98
HN21 PXZ B 6 0.00 4.99 -5.84
HN22 PXZ B 6 -0.29 3.51 -4.97
H7 PXZ B 6 1.25 7.35 4.16
H8 PXZ B 6 1.17 4.90 4.25
H151 PXZ B 6 -0.28 9.26 -2.23
H152 PXZ B 6 0.59 9.14 -3.77
H153 PXZ B 6 1.49 9.10 -2.24
H161 PXZ B 6 1.81 9.23 1.38
H162 PXZ B 6 1.07 9.38 2.98
H163 PXZ B 6 0.05 9.39 1.54
N THR B 7 -0.66 2.60 1.82
CA THR B 7 -0.90 1.16 2.01
C THR B 7 -1.42 0.47 0.75
N DVA B 8 -1.52 -0.87 0.82
CA DVA B 8 -2.37 -1.70 -0.03
CB DVA B 8 -2.34 -3.16 0.49
CG1 DVA B 8 -3.28 -4.05 -0.34
CG2 DVA B 8 -2.79 -3.23 1.96
C DVA B 8 -1.96 -1.62 -1.51
O DVA B 8 -0.92 -2.17 -1.87
H DVA B 8 -1.05 -1.33 1.59
HA DVA B 8 -3.40 -1.38 0.08
HB DVA B 8 -1.33 -3.55 0.42
HG11 DVA B 8 -2.97 -4.08 -1.38
HG12 DVA B 8 -3.25 -5.07 0.06
HG13 DVA B 8 -4.31 -3.68 -0.27
HG21 DVA B 8 -3.78 -2.81 2.08
HG22 DVA B 8 -2.81 -4.27 2.28
HG23 DVA B 8 -2.09 -2.70 2.61
N PRO B 9 -2.74 -0.97 -2.37
CA PRO B 9 -3.97 -0.24 -2.08
C PRO B 9 -5.18 -1.18 -1.99
N SAR B 10 -6.29 -0.76 -1.34
CA SAR B 10 -6.36 0.48 -0.55
C SAR B 10 -5.91 0.21 0.89
O SAR B 10 -5.61 -0.94 1.22
CN SAR B 10 -7.44 -1.67 -1.28
HA2 SAR B 10 -7.36 0.89 -0.53
HA3 SAR B 10 -5.74 1.25 -1.01
HN1 SAR B 10 -8.25 -1.23 -0.69
HN2 SAR B 10 -7.14 -2.61 -0.79
HN3 SAR B 10 -7.80 -1.87 -2.28
N MVA B 11 -5.89 1.23 1.78
CN MVA B 11 -6.12 2.63 1.45
CA MVA B 11 -5.62 0.97 3.20
CB MVA B 11 -6.69 0.05 3.84
CG1 MVA B 11 -6.68 0.20 5.37
CG2 MVA B 11 -8.11 0.39 3.36
C MVA B 11 -4.17 0.50 3.41
O MVA B 11 -3.98 -0.54 4.04
HN1 MVA B 11 -5.29 3.23 1.82
HN2 MVA B 11 -7.03 2.96 1.96
HN3 MVA B 11 -6.22 2.83 0.39
HA MVA B 11 -5.76 1.91 3.73
HB MVA B 11 -6.50 -1.00 3.60
HG11 MVA B 11 -6.95 1.23 5.65
HG12 MVA B 11 -5.70 -0.02 5.78
HG13 MVA B 11 -7.41 -0.47 5.82
HG21 MVA B 11 -8.24 0.17 2.31
HG22 MVA B 11 -8.32 1.45 3.52
HG23 MVA B 11 -8.85 -0.20 3.92
N THR B 1 1.05 2.28 -2.07
CA THR B 1 1.10 0.82 -2.23
C THR B 1 1.88 0.17 -1.09
N DVA B 2 1.38 -0.94 -0.55
CA DVA B 2 2.13 -1.82 0.34
CB DVA B 2 1.86 -3.28 -0.07
CG1 DVA B 2 2.64 -4.26 0.82
CG2 DVA B 2 2.27 -3.53 -1.53
C DVA B 2 1.73 -1.56 1.80
O DVA B 2 0.63 -1.94 2.19
H DVA B 2 0.48 -1.28 -0.87
HA DVA B 2 3.20 -1.66 0.20
HB DVA B 2 0.80 -3.50 0.03
HG11 DVA B 2 2.33 -4.16 1.86
HG12 DVA B 2 2.43 -5.28 0.51
HG13 DVA B 2 3.71 -4.07 0.74
HG21 DVA B 2 3.33 -3.33 -1.67
HG22 DVA B 2 2.07 -4.58 -1.79
HG23 DVA B 2 1.69 -2.91 -2.21
N PRO B 3 2.58 -0.94 2.63
CA PRO B 3 3.90 -0.39 2.31
C PRO B 3 4.95 -1.51 2.14
N SAR B 4 5.99 -1.36 1.31
CA SAR B 4 6.22 -0.19 0.44
C SAR B 4 5.78 -0.48 -1.01
O SAR B 4 5.41 -1.62 -1.29
CN SAR B 4 6.92 -2.49 1.16
HA2 SAR B 4 7.29 0.08 0.42
HA3 SAR B 4 5.71 0.68 0.82
HN1 SAR B 4 7.35 -2.75 2.13
HN2 SAR B 4 7.73 -2.23 0.48
HN3 SAR B 4 6.39 -3.35 0.76
N MVA B 5 5.83 0.50 -1.92
CN MVA B 5 6.24 1.86 -1.56
CA MVA B 5 5.51 0.27 -3.34
CB MVA B 5 6.53 -0.67 -4.01
CG1 MVA B 5 6.31 -0.77 -5.52
CG2 MVA B 5 7.97 -0.18 -3.78
C MVA B 5 4.06 -0.17 -3.52
O MVA B 5 3.80 -1.38 -3.60
HN1 MVA B 5 6.26 2.54 -2.41
HN2 MVA B 5 7.25 1.84 -1.13
HN3 MVA B 5 5.53 2.27 -0.83
HA MVA B 5 5.59 1.22 -3.90
HB MVA B 5 6.45 -1.67 -3.59
HG11 MVA B 5 6.41 0.21 -5.98
HG12 MVA B 5 5.31 -1.17 -5.74
HG13 MVA B 5 7.04 -1.44 -5.96
HG21 MVA B 5 8.22 -0.19 -2.72
HG22 MVA B 5 8.67 -0.82 -4.31
HG23 MVA B 5 8.08 0.85 -4.15
C1 PXZ B 6 0.14 4.43 -2.50
C0 PXZ B 6 0.02 3.03 -2.48
O1 PXZ B 6 -1.01 2.53 -2.93
C2 PXZ B 6 0.13 5.12 -3.73
N2 PXZ B 6 -0.08 4.47 -4.89
C3 PXZ B 6 0.36 6.50 -3.79
O3 PXZ B 6 0.42 7.16 -5.05
C4 PXZ B 6 0.51 7.23 -2.61
O5 PXZ B 6 0.60 7.30 -0.25
C6 PXZ B 6 0.83 7.42 2.11
C7 PXZ B 6 0.96 6.76 3.34
C8 PXZ B 6 0.85 5.36 3.40
C9 PXZ B 6 0.50 4.61 2.27
C0' PXZ B 6 0.33 3.22 2.42
O1' PXZ B 6 1.14 2.62 3.12
N10 PXZ B 6 0.25 4.56 -0.12
C11 PXZ B 6 0.28 5.17 -1.31
C12 PXZ B 6 0.46 6.58 -1.36
C13 PXZ B 6 0.60 6.67 0.94
C14 PXZ B 6 0.42 5.26 1.02
C15 PXZ B 6 0.69 8.74 -2.68
C16 PXZ B 6 0.97 8.93 2.05
HN21 PXZ B 6 -0.04 4.97 -5.77
HN22 PXZ B 6 -0.35 3.50 -4.90
H7 PXZ B 6 1.20 7.33 4.23
H8 PXZ B 6 1.08 4.88 4.33
H151 PXZ B 6 -0.13 9.24 -2.17
H152 PXZ B 6 0.72 9.08 -3.71
H153 PXZ B 6 1.63 9.02 -2.19
H161 PXZ B 6 1.86 9.19 1.46
H162 PXZ B 6 1.08 9.35 3.04
H163 PXZ B 6 0.10 9.36 1.56
N THR B 7 -0.72 2.59 1.86
CA THR B 7 -0.97 1.15 2.05
C THR B 7 -1.44 0.44 0.78
N DVA B 8 -1.61 -0.87 0.86
CA DVA B 8 -2.48 -1.69 0.01
CB DVA B 8 -2.53 -3.13 0.54
CG1 DVA B 8 -3.50 -3.99 -0.29
CG2 DVA B 8 -3.01 -3.17 2.01
C DVA B 8 -2.01 -1.64 -1.46
O DVA B 8 -0.96 -2.20 -1.76
H DVA B 8 -1.19 -1.34 1.67
HA DVA B 8 -3.50 -1.31 0.09
HB DVA B 8 -1.54 -3.57 0.49
HG11 DVA B 8 -3.16 -4.04 -1.33
HG12 DVA B 8 -3.52 -4.99 0.12
HG13 DVA B 8 -4.50 -3.56 -0.26
HG21 DVA B 8 -3.99 -2.70 2.10
HG22 DVA B 8 -3.08 -4.21 2.33
HG23 DVA B 8 -2.30 -2.67 2.66
N PRO B 9 -2.77 -1.00 -2.37
CA PRO B 9 -3.96 -0.22 -2.12
C PRO B 9 -5.22 -1.10 -2.07
N SAR B 10 -6.32 -0.64 -1.46
CA SAR B 10 -6.36 0.59 -0.67
C SAR B 10 -5.99 0.29 0.79
O SAR B 10 -5.75 -0.87 1.12
CN SAR B 10 -7.51 -1.50 -1.44
HA2 SAR B 10 -7.36 1.05 -0.69
HA3 SAR B 10 -5.70 1.34 -1.09
HN1 SAR B 10 -7.27 -2.46 -0.97
HN2 SAR B 10 -7.86 -1.68 -2.45
HN3 SAR B 10 -8.32 -1.04 -0.87
N MVA B 11 -5.97 1.29 1.69
CN MVA B 11 -6.17 2.71 1.38
CA MVA B 11 -5.74 1.03 3.12
CB MVA B 11 -6.83 0.11 3.73
CG1 MVA B 11 -6.82 0.25 5.27
CG2 MVA B 11 -8.24 0.49 3.25
C MVA B 11 -4.30 0.51 3.33
O MVA B 11 -4.14 -0.54 3.95
HN1 MVA B 11 -7.06 3.07 1.90
HN2 MVA B 11 -6.29 2.91 0.32
HN3 MVA B 11 -5.32 3.27 1.74
HA MVA B 11 -5.86 1.96 3.65
HB MVA B 11 -6.65 -0.94 3.47
HG11 MVA B 11 -7.09 1.27 5.55
HG12 MVA B 11 -5.85 0.01 5.68
HG13 MVA B 11 -7.57 -0.43 5.69
HG21 MVA B 11 -8.36 0.28 2.18
HG22 MVA B 11 -8.43 1.54 3.43
HG23 MVA B 11 -8.98 -0.11 3.78
N THR B 1 1.04 2.32 -2.10
CA THR B 1 1.09 0.87 -2.28
C THR B 1 1.89 0.21 -1.16
N DVA B 2 1.41 -0.92 -0.61
CA DVA B 2 2.17 -1.81 0.25
CB DVA B 2 1.91 -3.27 -0.17
CG1 DVA B 2 2.72 -4.24 0.70
CG2 DVA B 2 2.29 -3.51 -1.63
C DVA B 2 1.79 -1.57 1.72
O DVA B 2 0.70 -1.97 2.12
H DVA B 2 0.50 -1.27 -0.93
HA DVA B 2 3.24 -1.63 0.10
HB DVA B 2 0.85 -3.50 -0.05
HG11 DVA B 2 2.43 -4.15 1.75
HG12 DVA B 2 2.52 -5.26 0.38
HG13 DVA B 2 3.79 -4.04 0.60
HG21 DVA B 2 3.36 -3.29 -1.78
HG22 DVA B 2 2.10 -4.54 -1.89
HG23 DVA B 2 1.71 -2.88 -2.30
N PRO B 3 2.64 -0.94 2.55
CA PRO B 3 3.94 -0.40 2.22
C PRO B 3 4.99 -1.50 2.04
N SAR B 4 6.03 -1.34 1.18
CA SAR B 4 6.23 -0.16 0.31
C SAR B 4 5.79 -0.46 -1.13
O SAR B 4 5.42 -1.60 -1.42
CN SAR B 4 6.96 -2.46 1.01
HA2 SAR B 4 7.30 0.12 0.29
HA3 SAR B 4 5.73 0.71 0.70
HN1 SAR B 4 6.42 -3.33 0.63
HN2 SAR B 4 7.41 -2.72 1.98
HN3 SAR B 4 7.75 -2.21 0.31
N MVA B 5 5.83 0.54 -2.05
CN MVA B 5 6.24 1.89 -1.67
CA MVA B 5 5.48 0.31 -3.45
CB MVA B 5 6.48 -0.64 -4.14
CG1 MVA B 5 6.22 -0.74 -5.66
CG2 MVA B 5 7.93 -0.14 -3.96
C MVA B 5 4.01 -0.13 -3.60
O MVA B 5 3.76 -1.33 -3.69
HN1 MVA B 5 6.28 2.57 -2.53
HN2 MVA B 5 7.25 1.87 -1.25
HN3 MVA B 5 5.54 2.31 -0.96
HA MVA B 5 5.55 1.25 -4.00
HB MVA B 5 6.41 -1.64 -3.73
HG11 MVA B 5 6.95 -1.40 -6.11
HG12 MVA B 5 6.29 0.24 -6.12
HG13 MVA B 5 5.22 -1.13 -5.85
HG21 MVA B 5 8.20 -0.16 -2.91
HG22 MVA B 5 8.61 -0.78 -4.50
HG23 MVA B 5 8.01 0.88 -4.34
C1 PXZ B 6 0.13 4.48 -2.51
C0 PXZ B 6 0.02 3.08 -2.49
O1 PXZ B 6 -1.02 2.58 -2.94
C2 PXZ B 6 0.12 5.18 -3.73
N2 PXZ B 6 -0.09 4.54 -4.89
C3 PXZ B 6 0.34 6.56 -3.77
O3 PXZ B 6 0.40 7.24 -5.03
C4 PXZ B 6 0.48 7.28 -2.58
O5 PXZ B 6 0.57 7.33 -0.22
C6 PXZ B 6 0.81 7.43 2.14
C7 PXZ B 6 0.96 6.76 3.35
C8 PXZ B 6 0.87 5.37 3.40
C9 PXZ B 6 0.53 4.62 2.27
C0' PXZ B 6 0.37 3.21 2.39
O1' PXZ B 6 1.20 2.62 3.09
N10 PXZ B 6 0.27 4.59 -0.11
C11 PXZ B 6 0.28 5.21 -1.30
C12 PXZ B 6 0.44 6.62 -1.35
C13 PXZ B 6 0.59 6.68 0.97
C14 PXZ B 6 0.44 5.28 1.02
C15 PXZ B 6 0.67 8.79 -2.64
C16 PXZ B 6 0.92 8.95 2.08
HN21 PXZ B 6 -0.05 5.05 -5.76
HN22 PXZ B 6 -0.36 3.56 -4.91
H7 PXZ B 6 1.20 7.32 4.25
H8 PXZ B 6 1.10 4.87 4.33
H151 PXZ B 6 -0.18 9.28 -2.14
H152 PXZ B 6 0.71 9.14 -3.67
H153 PXZ B 6 1.59 9.08 -2.13
H161 PXZ B 6 1.80 9.22 1.51
H162 PXZ B 6 1.02 9.36 3.08
H163 PXZ B 6 0.03 9.37 1.61
N THR B 7 -0.66 2.57 1.83
CA THR B 7 -0.90 1.13 2.02
C THR B 7 -1.39 0.44 0.74
N DVA B 8 -1.56 -0.88 0.83
CA DVA B 8 -2.43 -1.70 -0.02
CB DVA B 8 -2.46 -3.14 0.51
CG1 DVA B 8 -3.42 -4.01 -0.32
CG2 DVA B 8 -2.93 -3.20 1.97
C DVA B 8 -1.96 -1.65 -1.49
O DVA B 8 -0.92 -2.21 -1.81
H DVA B 8 -1.14 -1.34 1.63
HA DVA B 8 -3.44 -1.32 0.06
HB DVA B 8 -1.46 -3.58 0.47
HG11 DVA B 8 -3.08 -4.06 -1.36
HG12 DVA B 8 -3.43 -5.02 0.08
HG13 DVA B 8 -4.42 -3.59 -0.29
HG21 DVA B 8 -3.92 -2.73 2.06
HG22 DVA B 8 -3.01 -4.23 2.30
HG23 DVA B 8 -2.24 -2.68 2.64
N PRO B 9 -2.72 -1.01 -2.39
CA PRO B 9 -3.91 -0.22 -2.15
C PRO B 9 -5.16 -1.10 -2.08
N SAR B 10 -6.27 -0.65 -1.45
CA SAR B 10 -6.30 0.59 -0.65
C SAR B 10 -5.92 0.27 0.81
O SAR B 10 -5.67 -0.89 1.12
CN SAR B 10 -7.45 -1.51 -1.41
HA2 SAR B 10 -7.28 1.05 -0.66
HA3 SAR B 10 -5.63 1.34 -1.06
HN1 SAR B 10 -8.26 -1.03 -0.85
HN2 SAR B 10 -7.21 -2.46 -0.93
HN3 SAR B 10 -7.80 -1.70 -2.43
N MVA B 11 -5.91 1.26 1.73
CN MVA B 11 -6.12 2.68 1.42
CA MVA B 11 -5.66 0.98 3.14
CB MVA B 11 -6.74 0.06 3.75
CG1 MVA B 11 -6.74 0.19 5.28
CG2 MVA B 11 -8.16 0.42 3.27
C MVA B 11 -4.22 0.48 3.34
O MVA B 11 -4.04 -0.57 3.97
HN1 MVA B 11 -6.26 2.88 0.36
HN2 MVA B 11 -5.26 3.25 1.76
HN3 MVA B 11 -7.00 3.04 1.97
HA MVA B 11 -5.78 1.91 3.69
HB MVA B 11 -6.55 -0.98 3.49
HG11 MVA B 11 -5.76 -0.05 5.71
HG12 MVA B 11 -7.47 -0.50 5.71
HG13 MVA B 11 -7.00 1.21 5.57
HG21 MVA B 11 -8.28 0.23 2.21
HG22 MVA B 11 -8.35 1.47 3.48
HG23 MVA B 11 -8.89 -0.18 3.81
N THR B 1 0.94 2.35 -2.08
CA THR B 1 1.05 0.90 -2.25
C THR B 1 1.91 0.28 -1.14
N DVA B 2 1.49 -0.85 -0.57
CA DVA B 2 2.32 -1.69 0.28
CB DVA B 2 2.13 -3.17 -0.13
CG1 DVA B 2 3.01 -4.10 0.71
CG2 DVA B 2 2.47 -3.38 -1.61
C DVA B 2 1.95 -1.46 1.75
O DVA B 2 0.88 -1.90 2.18
H DVA B 2 0.60 -1.24 -0.87
HA DVA B 2 3.37 -1.48 0.10
HB DVA B 2 1.09 -3.45 0.02
HG11 DVA B 2 2.75 -4.02 1.77
HG12 DVA B 2 2.86 -5.13 0.39
HG13 DVA B 2 4.06 -3.83 0.58
HG21 DVA B 2 3.51 -3.11 -1.79
HG22 DVA B 2 2.34 -4.44 -1.86
HG23 DVA B 2 1.82 -2.80 -2.26
N PRO B 3 2.80 -0.79 2.56
CA PRO B 3 4.07 -0.18 2.19
C PRO B 3 5.16 -1.24 1.99
N SAR B 4 6.17 -1.03 1.11
CA SAR B 4 6.30 0.15 0.22
C SAR B 4 5.83 -0.18 -1.21
O SAR B 4 5.51 -1.34 -1.47
CN SAR B 4 7.16 -2.09 0.94
HA2 SAR B 4 7.33 0.49 0.18
HA3 SAR B 4 5.74 0.98 0.61
HN1 SAR B 4 6.69 -2.99 0.55
HN2 SAR B 4 7.62 -2.33 1.91
HN3 SAR B 4 7.95 -1.78 0.26
N MVA B 5 5.81 0.81 -2.13
CN MVA B 5 6.16 2.18 -1.78
CA MVA B 5 5.45 0.55 -3.53
CB MVA B 5 6.49 -0.36 -4.22
CG1 MVA B 5 6.22 -0.46 -5.73
CG2 MVA B 5 7.91 0.20 -4.03
C MVA B 5 4.00 0.04 -3.65
O MVA B 5 3.81 -1.17 -3.74
HN1 MVA B 5 6.09 2.85 -2.62
HN2 MVA B 5 7.19 2.21 -1.41
HN3 MVA B 5 5.48 2.55 -1.01
HA MVA B 5 5.46 1.48 -4.08
HB MVA B 5 6.45 -1.36 -3.81
HG11 MVA B 5 5.23 -0.90 -5.92
HG12 MVA B 5 6.96 -1.11 -6.19
HG13 MVA B 5 6.27 0.52 -6.19
HG21 MVA B 5 8.20 0.17 -2.99
HG22 MVA B 5 8.62 -0.41 -4.60
HG23 MVA B 5 7.96 1.23 -4.39
C1 PXZ B 6 -0.09 4.46 -2.52
C0 PXZ B 6 -0.14 3.05 -2.46
O1 PXZ B 6 -1.17 2.49 -2.86
C2 PXZ B 6 -0.18 5.11 -3.76
N2 PXZ B 6 -0.42 4.42 -4.89
C3 PXZ B 6 0.00 6.49 -3.86
O3 PXZ B 6 -0.05 7.13 -5.14
C4 PXZ B 6 0.18 7.27 -2.70
O5 PXZ B 6 0.41 7.38 -0.35
C6 PXZ B 6 0.79 7.57 1.99
C7 PXZ B 6 1.00 6.95 3.22
C8 PXZ B 6 0.93 5.55 3.32
C9 PXZ B 6 0.54 4.76 2.22
C0' PXZ B 6 0.42 3.36 2.40
O1' PXZ B 6 1.29 2.80 3.08
N10 PXZ B 6 0.15 4.64 -0.14
C11 PXZ B 6 0.10 5.22 -1.36
C12 PXZ B 6 0.23 6.63 -1.45
C13 PXZ B 6 0.51 6.78 0.85
C14 PXZ B 6 0.37 5.37 0.96
C15 PXZ B 6 0.32 8.77 -2.82
C16 PXZ B 6 0.91 9.07 1.87
HN21 PXZ B 6 -0.44 4.90 -5.78
HN22 PXZ B 6 -0.65 3.44 -4.86
H7 PXZ B 6 1.26 7.53 4.09
H8 PXZ B 6 1.23 5.08 4.25
H151 PXZ B 6 0.28 9.08 -3.87
H152 PXZ B 6 1.28 9.09 -2.39
H153 PXZ B 6 -0.49 9.25 -2.28
H161 PXZ B 6 1.10 9.52 2.84
H162 PXZ B 6 -0.02 9.49 1.48
H163 PXZ B 6 1.72 9.33 1.20
N THR B 7 -0.62 2.67 1.90
CA THR B 7 -0.78 1.23 2.10
C THR B 7 -1.32 0.51 0.85
N DVA B 8 -1.42 -0.82 0.94
CA DVA B 8 -2.29 -1.67 0.13
CB DVA B 8 -2.21 -3.12 0.65
CG1 DVA B 8 -3.15 -4.04 -0.14
CG2 DVA B 8 -2.60 -3.21 2.13
C DVA B 8 -1.93 -1.58 -1.36
O DVA B 8 -0.87 -2.09 -1.75
H DVA B 8 -0.93 -1.26 1.72
HA DVA B 8 -3.33 -1.36 0.29
HB DVA B 8 -1.20 -3.49 0.54
HG11 DVA B 8 -2.88 -4.05 -1.19
HG12 DVA B 8 -3.08 -5.06 0.25
HG13 DVA B 8 -4.18 -3.70 -0.04
HG21 DVA B 8 -3.60 -2.82 2.29
HG22 DVA B 8 -2.58 -4.26 2.46
HG23 DVA B 8 -1.90 -2.66 2.77
N PRO B 9 -2.77 -0.97 -2.21
CA PRO B 9 -3.99 -0.26 -1.87
C PRO B 9 -5.18 -1.22 -1.72
N SAR B 10 -6.26 -0.85 -1.01
CA SAR B 10 -6.33 0.40 -0.21
C SAR B 10 -5.83 0.13 1.21
O SAR B 10 -5.48 -1.01 1.53
CN SAR B 10 -7.37 -1.79 -0.88
HA2 SAR B 10 -7.35 0.78 -0.14
HA3 SAR B 10 -5.75 1.18 -0.69
HN1 SAR B 10 -7.02 -2.72 -0.42
HN2 SAR B 10 -7.78 -2.01 -1.87
HN3 SAR B 10 -8.16 -1.38 -0.26
N MVA B 11 -5.80 1.14 2.11
CN MVA B 11 -6.13 2.52 1.81
CA MVA B 11 -5.45 0.89 3.51
CB MVA B 11 -6.45 -0.07 4.21
CG1 MVA B 11 -6.36 0.09 5.74
CG2 MVA B 11 -7.91 0.22 3.82
C MVA B 11 -3.98 0.45 3.63
O MVA B 11 -3.72 -0.58 4.26
HN1 MVA B 11 -6.21 2.73 0.74
HN2 MVA B 11 -5.35 3.18 2.20
HN3 MVA B 11 -7.07 2.79 2.29
HA MVA B 11 -5.57 1.82 4.06
HB MVA B 11 -6.22 -1.11 3.95
HG11 MVA B 11 -6.65 1.10 6.03
HG12 MVA B 11 -5.34 -0.08 6.09
HG13 MVA B 11 -7.02 -0.62 6.22
HG21 MVA B 11 -8.08 -0.01 2.77
HG22 MVA B 11 -8.14 1.26 4.01
HG23 MVA B 11 -8.57 -0.42 4.41
N THR B 1 0.74 2.35 -2.13
CA THR B 1 0.84 0.89 -2.20
C THR B 1 1.40 0.30 -0.90
N DVA B 2 1.46 -1.04 -0.84
CA DVA B 2 2.30 -1.81 0.06
CB DVA B 2 2.16 -3.31 -0.28
CG1 DVA B 2 3.09 -4.17 0.60
CG2 DVA B 2 2.52 -3.60 -1.74
C DVA B 2 1.98 -1.53 1.54
O DVA B 2 0.92 -1.95 2.01
H DVA B 2 0.97 -1.56 -1.55
HA DVA B 2 3.33 -1.55 -0.16
HB DVA B 2 1.14 -3.63 -0.10
HG11 DVA B 2 2.86 -4.04 1.66
HG12 DVA B 2 2.96 -5.22 0.36
HG13 DVA B 2 4.13 -3.89 0.43
HG21 DVA B 2 3.53 -3.23 -1.96
HG22 DVA B 2 2.48 -4.67 -1.93
HG23 DVA B 2 1.81 -3.11 -2.42
N PRO B 3 2.86 -0.85 2.29
CA PRO B 3 4.11 -0.23 1.86
C PRO B 3 5.22 -1.26 1.66
N SAR B 4 6.22 -1.02 0.78
CA SAR B 4 6.35 0.20 -0.04
C SAR B 4 5.75 0.00 -1.44
O SAR B 4 5.21 -1.06 -1.72
CN SAR B 4 7.25 -2.03 0.58
HA2 SAR B 4 7.41 0.42 -0.13
HA3 SAR B 4 5.87 1.05 0.45
HN1 SAR B 4 6.79 -2.99 0.35
HN2 SAR B 4 7.85 -2.12 1.49
HN3 SAR B 4 7.91 -1.76 -0.24
N MVA B 5 5.89 1.00 -2.34
CN MVA B 5 6.55 2.26 -1.97
CA MVA B 5 5.42 0.90 -3.74
CB MVA B 5 6.51 0.28 -4.64
CG1 MVA B 5 6.93 -1.14 -4.25
CG2 MVA B 5 6.15 0.29 -6.13
C MVA B 5 4.01 0.30 -3.85
O MVA B 5 3.84 -0.75 -4.48
HN1 MVA B 5 6.01 2.74 -1.16
HN2 MVA B 5 6.58 2.96 -2.81
HN3 MVA B 5 7.58 2.07 -1.67
HA MVA B 5 5.29 1.91 -4.12
HB MVA B 5 7.40 0.91 -4.53
HG11 MVA B 5 7.67 -1.50 -4.97
HG12 MVA B 5 6.09 -1.82 -4.26
HG13 MVA B 5 7.40 -1.14 -3.27
HG21 MVA B 5 5.39 -0.44 -6.36
HG22 MVA B 5 5.80 1.27 -6.43
HG23 MVA B 5 7.05 0.05 -6.72
C1 PXZ B 6 -0.22 4.43 -2.74
C0 PXZ B 6 -0.28 3.03 -2.66
O1 PXZ B 6 -1.25 2.46 -3.15
C2 PXZ B 6 -0.33 5.08 -4.00
N2 PXZ B 6 -0.52 4.37 -5.12
C3 PXZ B 6 -0.20 6.47 -4.10
O3 PXZ B 6 -0.25 7.09 -5.39
C4 PXZ B 6 -0.06 7.25 -2.95
O5 PXZ B 6 0.25 7.39 -0.60
C6 PXZ B 6 0.77 7.60 1.70
C7 PXZ B 6 1.05 6.98 2.93
C8 PXZ B 6 0.99 5.58 3.05
C9 PXZ B 6 0.58 4.78 1.97
C0' PXZ B 6 0.47 3.38 2.16
O1' PXZ B 6 1.37 2.83 2.80
N10 PXZ B 6 0.11 4.65 -0.38
C11 PXZ B 6 -0.02 5.23 -1.59
C12 PXZ B 6 0.05 6.63 -1.69
C13 PXZ B 6 0.44 6.79 0.58
C14 PXZ B 6 0.35 5.39 0.71
C15 PXZ B 6 -0.03 8.77 -3.07
C16 PXZ B 6 0.85 9.10 1.57
HN21 PXZ B 6 -0.55 4.83 -6.02
HN22 PXZ B 6 -0.70 3.38 -5.08
H7 PXZ B 6 1.34 7.58 3.78
H8 PXZ B 6 1.28 5.14 3.98
H151 PXZ B 6 -0.86 9.19 -2.52
H152 PXZ B 6 -0.09 9.08 -4.11
H153 PXZ B 6 0.91 9.15 -2.65
H161 PXZ B 6 1.63 9.37 0.86
H162 PXZ B 6 1.09 9.56 2.53
H163 PXZ B 6 -0.11 9.49 1.23
N THR B 7 -0.59 2.69 1.72
CA THR B 7 -0.75 1.24 1.95
C THR B 7 -1.34 0.50 0.75
N DVA B 8 -1.41 -0.83 0.87
CA DVA B 8 -2.26 -1.72 0.09
CB DVA B 8 -2.14 -3.16 0.63
CG1 DVA B 8 -3.07 -4.12 -0.12
CG2 DVA B 8 -2.48 -3.24 2.12
C DVA B 8 -1.96 -1.65 -1.41
O DVA B 8 -0.93 -2.15 -1.84
H DVA B 8 -0.91 -1.26 1.64
HA DVA B 8 -3.29 -1.44 0.30
HB DVA B 8 -1.11 -3.51 0.49
HG11 DVA B 8 -2.83 -4.15 -1.18
HG12 DVA B 8 -2.96 -5.12 0.28
HG13 DVA B 8 -4.10 -3.80 0.00
HG21 DVA B 8 -3.48 -2.86 2.30
HG22 DVA B 8 -2.44 -4.28 2.46
HG23 DVA B 8 -1.77 -2.68 2.73
N PRO B 9 -2.85 -1.04 -2.23
CA PRO B 9 -4.08 -0.35 -1.84
C PRO B 9 -5.23 -1.35 -1.63
N SAR B 10 -6.30 -0.97 -0.90
CA SAR B 10 -6.37 0.28 -0.16
C SAR B 10 -5.81 0.10 1.26
O SAR B 10 -5.43 -1.02 1.60
CN SAR B 10 -7.42 -1.89 -0.74
HA2 SAR B 10 -7.42 0.58 -0.07
HA3 SAR B 10 -5.86 1.08 -0.70
HN1 SAR B 10 -7.07 -2.86 -0.41
HN2 SAR B 10 -7.93 -2.00 -1.70
HN3 SAR B 10 -8.13 -1.52 -0.01
N MVA B 11 -5.76 1.15 2.10
CN MVA B 11 -6.07 2.53 1.74
CA MVA B 11 -5.40 0.97 3.50
CB MVA B 11 -6.38 0.06 4.26
CG1 MVA B 11 -6.26 0.30 5.79
CG2 MVA B 11 -7.84 0.34 3.88
C MVA B 11 -3.91 0.54 3.62
O MVA B 11 -3.65 -0.46 4.29
HN1 MVA B 11 -5.23 3.17 2.01
HN2 MVA B 11 -6.95 2.87 2.29
HN3 MVA B 11 -6.25 2.68 0.67
HA MVA B 11 -5.50 1.92 4.01
HB MVA B 11 -6.17 -0.99 4.05
HG11 MVA B 11 -6.54 1.32 6.03
HG12 MVA B 11 -5.25 0.11 6.13
HG13 MVA B 11 -6.94 -0.38 6.31
HG21 MVA B 11 -8.04 0.06 2.85
HG22 MVA B 11 -8.06 1.40 4.02
HG23 MVA B 11 -8.51 -0.24 4.51
#